data_7PGC
#
_entry.id   7PGC
#
_cell.length_a   48.935
_cell.length_b   60.149
_cell.length_c   81.997
_cell.angle_alpha   90.000
_cell.angle_beta   90.000
_cell.angle_gamma   90.000
#
_symmetry.space_group_name_H-M   'P 21 21 21'
#
loop_
_entity.id
_entity.type
_entity.pdbx_description
1 polymer 'Serine protease subunit NS2B'
2 polymer 'Serine protease NS3'
3 polymer 'Inhibitor MI-2191'
4 water water
#
loop_
_entity_poly.entity_id
_entity_poly.type
_entity_poly.pdbx_seq_one_letter_code
_entity_poly.pdbx_strand_id
1 'polypeptide(L)' MTGKSVDMYIERAGDITWEKDAEVTGNSPRLDVALDESGDFSLVEEDGPPMRE A
2 'polypeptide(L)'
;GSGALWDVPAPKEVKKGETTDGVYRVMTRRLLGSTQVGVGVMQEGVFHTMWHVTKGAALRSGEGRLDPYWGDVKQDLVSY
CGPWKLDAAWDGLSEVQLLAVPPGERAKNIQTLPGIFKTKDGDIGAVALDYPAGTSGSPILDKCGRVIGLYGNGVVIKNG
SYVSAITQGKREEETPVE
;
B
3 'polypeptide(L)' (V7T)(HMF)(V8N)KK C
#
loop_
_chem_comp.id
_chem_comp.type
_chem_comp.name
_chem_comp.formula
V7T peptide-like '(2R)-6-azanyl-2-carbamimidamido-hexanoic acid' 'C7 H16 N4 O2'
V8N peptide-like '2-[3-(aminomethyl)phenyl]ethanoic acid' 'C9 H11 N O2'
#
# COMPACT_ATOMS: atom_id res chain seq x y z
N VAL A 6 -9.54 20.40 -6.23
CA VAL A 6 -8.34 19.88 -5.60
C VAL A 6 -7.44 19.15 -6.59
N ASP A 7 -6.18 19.58 -6.64
CA ASP A 7 -5.17 18.96 -7.51
C ASP A 7 -4.60 17.77 -6.77
N MET A 8 -5.01 16.57 -7.15
CA MET A 8 -4.42 15.34 -6.65
C MET A 8 -3.52 14.79 -7.76
N TYR A 9 -2.26 14.61 -7.47
CA TYR A 9 -1.27 14.34 -8.51
C TYR A 9 -0.23 13.37 -7.96
N ILE A 10 0.53 12.77 -8.86
CA ILE A 10 1.53 11.79 -8.45
C ILE A 10 2.92 12.26 -8.86
N GLU A 11 3.91 11.81 -8.10
CA GLU A 11 5.31 12.16 -8.32
C GLU A 11 6.16 10.91 -8.13
N ARG A 12 7.05 10.63 -9.06
CA ARG A 12 7.83 9.39 -8.96
C ARG A 12 8.74 9.47 -7.75
N ALA A 13 8.90 8.34 -7.05
CA ALA A 13 9.66 8.29 -5.83
C ALA A 13 10.71 7.19 -5.79
N GLY A 14 10.81 6.34 -6.80
CA GLY A 14 11.91 5.42 -6.86
C GLY A 14 11.58 4.20 -7.67
N ASP A 15 12.57 3.34 -7.79
CA ASP A 15 12.43 2.03 -8.42
C ASP A 15 11.99 1.02 -7.37
N ILE A 16 11.30 -0.01 -7.81
CA ILE A 16 10.83 -1.07 -6.94
C ILE A 16 11.83 -2.21 -7.04
N THR A 17 12.66 -2.34 -6.00
CA THR A 17 13.75 -3.30 -5.95
C THR A 17 13.91 -3.84 -4.54
N TRP A 18 14.11 -5.16 -4.45
CA TRP A 18 14.47 -5.80 -3.19
C TRP A 18 15.88 -5.42 -2.80
N GLU A 19 16.07 -5.06 -1.52
CA GLU A 19 17.37 -4.65 -1.01
C GLU A 19 18.05 -5.86 -0.37
N LYS A 20 19.18 -6.28 -0.93
CA LYS A 20 19.94 -7.37 -0.35
C LYS A 20 20.51 -6.96 1.00
N ASP A 21 20.65 -7.95 1.90
CA ASP A 21 21.15 -7.69 3.24
C ASP A 21 20.45 -6.48 3.83
N ALA A 22 19.23 -6.66 4.33
CA ALA A 22 18.46 -5.56 4.84
C ALA A 22 18.15 -5.78 6.32
N GLU A 23 17.86 -4.67 7.01
CA GLU A 23 17.44 -4.74 8.40
C GLU A 23 16.12 -5.50 8.48
N VAL A 24 16.15 -6.65 9.15
CA VAL A 24 14.95 -7.43 9.45
C VAL A 24 14.46 -7.05 10.84
N THR A 25 13.17 -6.73 10.93
CA THR A 25 12.62 -6.12 12.14
C THR A 25 11.12 -6.36 12.19
N GLY A 26 10.53 -5.98 13.32
CA GLY A 26 9.11 -6.20 13.55
C GLY A 26 8.83 -7.62 14.03
N ASN A 27 7.70 -7.78 14.67
CA ASN A 27 7.27 -9.11 15.08
C ASN A 27 6.26 -9.63 14.07
N SER A 28 5.61 -10.75 14.39
CA SER A 28 4.78 -11.49 13.45
C SER A 28 3.49 -11.89 14.16
N PRO A 29 2.63 -10.93 14.42
CA PRO A 29 1.46 -11.19 15.27
C PRO A 29 0.44 -12.09 14.58
N ARG A 30 -0.28 -12.84 15.40
CA ARG A 30 -1.31 -13.78 14.93
C ARG A 30 -2.63 -13.29 15.49
N LEU A 31 -3.40 -12.60 14.66
CA LEU A 31 -4.59 -11.88 15.08
C LEU A 31 -5.84 -12.48 14.46
N ASP A 32 -6.93 -12.43 15.20
CA ASP A 32 -8.26 -12.75 14.69
C ASP A 32 -8.94 -11.43 14.32
N VAL A 33 -9.33 -11.29 13.05
CA VAL A 33 -9.89 -10.03 12.58
C VAL A 33 -11.11 -10.29 11.72
N ALA A 34 -11.92 -9.25 11.58
CA ALA A 34 -13.06 -9.21 10.69
C ALA A 34 -12.94 -8.04 9.73
N LEU A 35 -13.49 -8.22 8.54
CA LEU A 35 -13.46 -7.22 7.48
C LEU A 35 -14.89 -6.89 7.08
N ASP A 36 -15.27 -5.62 7.21
CA ASP A 36 -16.64 -5.24 6.87
C ASP A 36 -16.71 -4.76 5.42
N GLU A 37 -17.93 -4.50 4.96
CA GLU A 37 -18.14 -4.23 3.54
C GLU A 37 -17.62 -2.86 3.11
N SER A 38 -17.22 -2.01 4.05
CA SER A 38 -16.61 -0.73 3.73
C SER A 38 -15.08 -0.76 3.81
N GLY A 39 -14.48 -1.92 3.97
CA GLY A 39 -13.04 -2.03 3.98
C GLY A 39 -12.37 -1.81 5.31
N ASP A 40 -13.11 -1.83 6.41
N ASP A 40 -13.10 -1.94 6.42
CA ASP A 40 -12.51 -1.68 7.72
CA ASP A 40 -12.61 -1.68 7.77
C ASP A 40 -12.23 -3.04 8.32
C ASP A 40 -12.29 -3.01 8.47
N PHE A 41 -11.01 -3.21 8.80
CA PHE A 41 -10.62 -4.36 9.60
C PHE A 41 -10.83 -4.04 11.07
N SER A 42 -11.27 -5.03 11.84
CA SER A 42 -11.41 -4.88 13.27
C SER A 42 -10.94 -6.14 13.98
N LEU A 43 -10.44 -5.97 15.19
CA LEU A 43 -10.09 -7.11 16.02
C LEU A 43 -11.35 -7.83 16.53
N VAL A 44 -11.32 -9.16 16.48
CA VAL A 44 -12.44 -10.00 16.89
C VAL A 44 -12.11 -10.70 18.20
N GLY B 17 5.66 9.24 -20.85
CA GLY B 17 6.54 8.98 -19.71
C GLY B 17 5.84 9.34 -18.40
N GLU B 18 4.54 9.56 -18.47
CA GLU B 18 3.75 9.83 -17.27
C GLU B 18 3.31 8.56 -16.57
N THR B 19 3.70 7.39 -17.10
CA THR B 19 3.38 6.12 -16.49
C THR B 19 4.59 5.20 -16.46
N THR B 20 5.79 5.76 -16.31
CA THR B 20 6.94 4.88 -16.23
C THR B 20 6.84 4.05 -14.95
N ASP B 21 7.24 2.78 -15.06
CA ASP B 21 7.23 1.88 -13.91
C ASP B 21 7.93 2.52 -12.71
N GLY B 22 7.38 2.31 -11.53
CA GLY B 22 8.04 2.70 -10.30
C GLY B 22 7.04 2.90 -9.19
N VAL B 23 7.54 3.36 -8.05
CA VAL B 23 6.70 3.74 -6.92
C VAL B 23 6.57 5.26 -6.94
N TYR B 24 5.39 5.76 -6.59
CA TYR B 24 5.05 7.16 -6.68
C TYR B 24 4.41 7.62 -5.38
N ARG B 25 4.63 8.90 -5.04
CA ARG B 25 3.86 9.58 -4.01
C ARG B 25 2.58 10.12 -4.62
N VAL B 26 1.50 10.07 -3.83
CA VAL B 26 0.21 10.69 -4.17
C VAL B 26 0.07 11.94 -3.31
N MET B 27 -0.05 13.09 -3.96
CA MET B 27 0.00 14.39 -3.32
C MET B 27 -1.31 15.13 -3.58
N THR B 28 -1.68 15.99 -2.65
CA THR B 28 -2.76 16.95 -2.89
C THR B 28 -2.24 18.36 -2.65
N ARG B 29 -2.76 19.32 -3.44
CA ARG B 29 -2.46 20.73 -3.23
C ARG B 29 -3.73 21.52 -3.52
N ARG B 30 -3.87 22.65 -2.82
CA ARG B 30 -4.95 23.60 -3.09
C ARG B 30 -4.29 24.91 -3.51
N LEU B 31 -4.48 25.98 -2.75
CA LEU B 31 -3.82 27.25 -3.06
C LEU B 31 -2.45 27.37 -2.40
N LEU B 32 -2.12 26.51 -1.45
CA LEU B 32 -0.87 26.61 -0.70
C LEU B 32 -0.05 25.34 -0.86
N GLY B 33 0.50 24.83 0.23
CA GLY B 33 1.44 23.73 0.16
C GLY B 33 0.78 22.42 -0.23
N SER B 34 1.63 21.43 -0.46
N SER B 34 1.63 21.42 -0.42
CA SER B 34 1.19 20.09 -0.82
CA SER B 34 1.21 20.08 -0.82
C SER B 34 1.22 19.18 0.41
C SER B 34 1.27 19.14 0.38
N THR B 35 0.41 18.13 0.35
CA THR B 35 0.34 17.12 1.39
C THR B 35 0.46 15.77 0.72
N GLN B 36 1.28 14.86 1.28
CA GLN B 36 1.30 13.49 0.80
C GLN B 36 0.19 12.71 1.47
N VAL B 37 -0.77 12.24 0.68
CA VAL B 37 -1.87 11.43 1.20
C VAL B 37 -1.64 9.94 0.98
N GLY B 38 -0.72 9.56 0.11
CA GLY B 38 -0.43 8.15 -0.06
C GLY B 38 0.67 7.90 -1.05
N VAL B 39 0.68 6.67 -1.56
CA VAL B 39 1.74 6.08 -2.36
C VAL B 39 1.05 5.09 -3.29
N GLY B 40 1.67 4.81 -4.43
CA GLY B 40 1.17 3.74 -5.27
C GLY B 40 2.22 3.21 -6.22
N VAL B 41 1.83 2.18 -6.98
CA VAL B 41 2.72 1.45 -7.87
C VAL B 41 2.26 1.60 -9.30
N MET B 42 3.15 2.03 -10.17
CA MET B 42 2.93 2.00 -11.61
C MET B 42 3.57 0.73 -12.16
N GLN B 43 2.76 -0.11 -12.80
CA GLN B 43 3.24 -1.34 -13.42
C GLN B 43 2.38 -1.62 -14.65
N GLU B 44 3.03 -1.89 -15.78
CA GLU B 44 2.34 -2.24 -17.01
C GLU B 44 1.29 -1.21 -17.38
N GLY B 45 1.61 0.06 -17.19
CA GLY B 45 0.76 1.14 -17.62
C GLY B 45 -0.39 1.46 -16.70
N VAL B 46 -0.46 0.81 -15.55
CA VAL B 46 -1.58 0.95 -14.63
C VAL B 46 -1.05 1.41 -13.28
N PHE B 47 -1.75 2.38 -12.68
CA PHE B 47 -1.39 2.86 -11.35
C PHE B 47 -2.27 2.17 -10.32
N HIS B 48 -1.64 1.71 -9.24
CA HIS B 48 -2.27 0.89 -8.21
C HIS B 48 -2.11 1.59 -6.87
N THR B 49 -3.20 1.82 -6.15
CA THR B 49 -3.09 2.40 -4.82
C THR B 49 -4.27 1.92 -3.99
N MET B 50 -4.35 2.42 -2.77
CA MET B 50 -5.45 2.06 -1.89
C MET B 50 -6.58 3.07 -2.02
N TRP B 51 -7.82 2.58 -1.95
CA TRP B 51 -8.97 3.43 -2.18
C TRP B 51 -8.97 4.62 -1.24
N HIS B 52 -8.62 4.41 0.04
CA HIS B 52 -8.72 5.51 0.99
C HIS B 52 -7.71 6.62 0.73
N VAL B 53 -6.70 6.36 -0.10
CA VAL B 53 -5.75 7.41 -0.49
C VAL B 53 -6.42 8.44 -1.41
N THR B 54 -7.13 7.96 -2.44
CA THR B 54 -7.67 8.84 -3.47
C THR B 54 -9.18 9.00 -3.42
N LYS B 55 -9.86 8.19 -2.61
CA LYS B 55 -11.32 8.07 -2.62
C LYS B 55 -11.83 7.72 -4.02
N GLY B 56 -10.98 7.10 -4.82
CA GLY B 56 -11.36 6.69 -6.15
C GLY B 56 -11.45 7.80 -7.18
N ALA B 57 -10.86 8.96 -6.90
CA ALA B 57 -10.90 10.09 -7.80
C ALA B 57 -9.75 10.05 -8.81
N ALA B 58 -9.88 10.88 -9.85
CA ALA B 58 -8.85 10.92 -10.89
C ALA B 58 -7.56 11.53 -10.37
N LEU B 59 -6.45 11.14 -11.00
CA LEU B 59 -5.11 11.61 -10.66
C LEU B 59 -4.49 12.36 -11.83
N ARG B 60 -3.70 13.37 -11.51
CA ARG B 60 -2.84 14.04 -12.49
C ARG B 60 -1.45 13.41 -12.45
N SER B 61 -0.86 13.21 -13.62
CA SER B 61 0.53 12.74 -13.72
C SER B 61 1.22 13.64 -14.73
N GLY B 62 1.93 14.65 -14.23
CA GLY B 62 2.51 15.65 -15.11
C GLY B 62 1.41 16.43 -15.79
N GLU B 63 1.41 16.47 -17.12
CA GLU B 63 0.37 17.13 -17.88
C GLU B 63 -0.82 16.23 -18.18
N GLY B 64 -0.76 14.95 -17.76
CA GLY B 64 -1.75 13.97 -18.12
C GLY B 64 -2.70 13.63 -16.98
N ARG B 65 -3.77 12.95 -17.35
CA ARG B 65 -4.83 12.55 -16.44
C ARG B 65 -4.94 11.02 -16.42
N LEU B 66 -5.00 10.45 -15.22
CA LEU B 66 -5.20 9.02 -15.04
C LEU B 66 -6.61 8.79 -14.51
N ASP B 67 -7.41 8.04 -15.26
CA ASP B 67 -8.79 7.84 -14.83
C ASP B 67 -8.95 6.52 -14.09
N PRO B 68 -9.77 6.52 -13.04
CA PRO B 68 -10.05 5.26 -12.33
C PRO B 68 -10.67 4.24 -13.27
N TYR B 69 -10.23 3.00 -13.13
CA TYR B 69 -10.68 1.92 -14.00
C TYR B 69 -11.36 0.81 -13.21
N TRP B 70 -10.72 0.29 -12.19
CA TRP B 70 -11.26 -0.77 -11.34
C TRP B 70 -11.07 -0.36 -9.89
N GLY B 71 -11.94 -0.85 -9.02
CA GLY B 71 -11.74 -0.62 -7.59
C GLY B 71 -12.76 -1.38 -6.77
N ASP B 72 -12.55 -1.35 -5.46
CA ASP B 72 -13.40 -2.10 -4.54
C ASP B 72 -13.17 -1.53 -3.13
N VAL B 73 -14.20 -0.90 -2.56
CA VAL B 73 -13.98 -0.30 -1.25
C VAL B 73 -13.74 -1.35 -0.18
N LYS B 74 -14.27 -2.57 -0.35
CA LYS B 74 -14.05 -3.59 0.68
C LYS B 74 -12.60 -4.05 0.73
N GLN B 75 -11.99 -4.25 -0.44
CA GLN B 75 -10.56 -4.52 -0.52
C GLN B 75 -9.71 -3.27 -0.28
N ASP B 76 -10.31 -2.08 -0.37
CA ASP B 76 -9.61 -0.80 -0.21
C ASP B 76 -8.53 -0.66 -1.28
N LEU B 77 -8.91 -0.96 -2.53
CA LEU B 77 -7.99 -0.89 -3.66
C LEU B 77 -8.63 -0.16 -4.83
N VAL B 78 -7.78 0.43 -5.67
CA VAL B 78 -8.22 1.08 -6.89
C VAL B 78 -7.08 1.01 -7.90
N SER B 79 -7.43 0.78 -9.17
CA SER B 79 -6.45 0.86 -10.25
C SER B 79 -6.87 1.93 -11.26
N TYR B 80 -5.87 2.51 -11.92
CA TYR B 80 -6.02 3.58 -12.89
C TYR B 80 -5.47 3.15 -14.25
N CYS B 81 -6.21 3.51 -15.30
CA CYS B 81 -5.83 3.33 -16.70
C CYS B 81 -6.06 1.92 -17.23
N GLY B 82 -6.28 0.96 -16.34
CA GLY B 82 -6.51 -0.40 -16.74
C GLY B 82 -6.78 -1.28 -15.54
N PRO B 83 -7.01 -2.57 -15.79
CA PRO B 83 -7.28 -3.50 -14.69
C PRO B 83 -6.06 -3.73 -13.81
N TRP B 84 -6.34 -4.19 -12.59
CA TRP B 84 -5.30 -4.50 -11.62
C TRP B 84 -4.30 -5.51 -12.18
N LYS B 85 -3.01 -5.16 -12.10
CA LYS B 85 -1.94 -5.93 -12.72
C LYS B 85 -1.08 -6.72 -11.74
N LEU B 86 -1.14 -6.41 -10.45
CA LEU B 86 -0.23 -7.02 -9.48
C LEU B 86 -0.79 -8.36 -9.04
N ASP B 87 -0.07 -9.45 -9.33
CA ASP B 87 -0.61 -10.77 -9.07
C ASP B 87 0.25 -11.65 -8.17
N ALA B 88 1.44 -11.21 -7.78
CA ALA B 88 2.27 -12.01 -6.91
C ALA B 88 1.65 -12.14 -5.52
N ALA B 89 1.86 -13.30 -4.89
CA ALA B 89 1.28 -13.62 -3.61
C ALA B 89 2.35 -13.94 -2.57
N TRP B 90 2.14 -13.46 -1.34
CA TRP B 90 2.98 -13.91 -0.22
C TRP B 90 2.92 -15.43 -0.13
N ASP B 91 4.07 -16.06 0.03
CA ASP B 91 4.09 -17.51 0.08
C ASP B 91 3.76 -18.07 1.46
N GLY B 92 3.42 -17.22 2.43
CA GLY B 92 3.07 -17.65 3.76
C GLY B 92 4.23 -18.06 4.63
N LEU B 93 5.43 -17.99 4.14
CA LEU B 93 6.60 -18.53 4.79
C LEU B 93 7.75 -17.56 4.86
N SER B 94 7.98 -16.78 3.81
CA SER B 94 9.20 -16.02 3.65
C SER B 94 9.08 -14.61 4.19
N GLU B 95 10.23 -14.05 4.58
CA GLU B 95 10.32 -12.62 4.86
C GLU B 95 10.02 -11.80 3.61
N VAL B 96 9.52 -10.59 3.84
CA VAL B 96 9.11 -9.67 2.80
C VAL B 96 9.76 -8.32 3.10
N GLN B 97 9.66 -7.39 2.15
CA GLN B 97 10.11 -6.02 2.38
C GLN B 97 8.98 -5.03 2.14
N LEU B 98 8.80 -4.13 3.09
CA LEU B 98 8.01 -2.93 2.85
C LEU B 98 8.93 -1.89 2.20
N LEU B 99 8.55 -1.40 1.03
CA LEU B 99 9.25 -0.28 0.40
C LEU B 99 8.48 0.96 0.84
N ALA B 100 8.82 1.41 2.03
CA ALA B 100 8.09 2.50 2.67
C ALA B 100 8.47 3.83 2.03
N VAL B 101 7.47 4.62 1.67
CA VAL B 101 7.69 5.95 1.08
C VAL B 101 6.94 6.94 1.99
N PRO B 102 7.50 7.29 3.14
CA PRO B 102 6.77 8.16 4.07
C PRO B 102 6.79 9.59 3.59
N PRO B 103 5.83 10.39 4.03
CA PRO B 103 5.84 11.82 3.68
C PRO B 103 7.16 12.47 4.07
N GLY B 104 7.75 13.21 3.13
CA GLY B 104 8.95 13.96 3.40
C GLY B 104 10.20 13.15 3.64
N GLU B 105 10.18 11.85 3.36
CA GLU B 105 11.32 10.97 3.58
C GLU B 105 11.55 10.10 2.35
N ARG B 106 12.81 9.76 2.11
CA ARG B 106 13.15 8.94 0.96
C ARG B 106 12.61 7.52 1.13
N ALA B 107 12.38 6.88 0.00
CA ALA B 107 11.97 5.47 0.01
C ALA B 107 13.02 4.61 0.70
N LYS B 108 12.55 3.72 1.56
CA LYS B 108 13.43 2.82 2.32
C LYS B 108 12.82 1.43 2.36
N ASN B 109 13.69 0.42 2.28
CA ASN B 109 13.27 -0.98 2.35
C ASN B 109 13.38 -1.49 3.77
N ILE B 110 12.30 -2.07 4.28
CA ILE B 110 12.23 -2.62 5.63
C ILE B 110 11.85 -4.09 5.52
N GLN B 111 12.72 -4.98 6.01
CA GLN B 111 12.48 -6.41 5.91
C GLN B 111 11.81 -6.92 7.18
N THR B 112 10.84 -7.81 7.02
CA THR B 112 10.06 -8.32 8.15
C THR B 112 9.47 -9.67 7.81
N LEU B 113 9.19 -10.47 8.84
CA LEU B 113 8.41 -11.69 8.68
C LEU B 113 6.97 -11.37 9.00
N PRO B 114 6.06 -11.46 8.04
CA PRO B 114 4.65 -11.17 8.34
C PRO B 114 4.07 -12.10 9.39
N GLY B 115 3.16 -11.53 10.18
CA GLY B 115 2.20 -12.31 10.91
C GLY B 115 1.00 -12.57 10.03
N ILE B 116 -0.13 -12.83 10.69
CA ILE B 116 -1.33 -13.34 10.03
C ILE B 116 -2.57 -12.64 10.58
N PHE B 117 -3.41 -12.16 9.67
CA PHE B 117 -4.80 -11.83 9.95
C PHE B 117 -5.60 -13.10 9.67
N LYS B 118 -6.18 -13.69 10.72
CA LYS B 118 -7.05 -14.85 10.55
C LYS B 118 -8.50 -14.37 10.47
N THR B 119 -9.15 -14.58 9.33
CA THR B 119 -10.53 -14.15 9.15
C THR B 119 -11.40 -15.35 8.83
N LYS B 120 -12.72 -15.14 8.90
CA LYS B 120 -13.66 -16.20 8.58
C LYS B 120 -13.51 -16.71 7.15
N ASP B 121 -12.93 -15.91 6.26
CA ASP B 121 -12.76 -16.27 4.88
C ASP B 121 -11.35 -16.71 4.55
N GLY B 122 -10.47 -16.83 5.55
CA GLY B 122 -9.12 -17.29 5.34
C GLY B 122 -8.11 -16.36 5.94
N ASP B 123 -6.83 -16.75 5.79
CA ASP B 123 -5.71 -16.02 6.36
C ASP B 123 -5.17 -15.01 5.36
N ILE B 124 -4.67 -13.88 5.88
CA ILE B 124 -4.00 -12.85 5.11
C ILE B 124 -2.69 -12.53 5.82
N GLY B 125 -1.58 -12.46 5.08
CA GLY B 125 -0.36 -11.96 5.67
C GLY B 125 -0.54 -10.55 6.18
N ALA B 126 0.23 -10.20 7.21
CA ALA B 126 0.10 -8.89 7.84
C ALA B 126 1.45 -8.45 8.42
N VAL B 127 1.78 -7.17 8.25
CA VAL B 127 3.08 -6.67 8.68
C VAL B 127 2.92 -5.66 9.83
N ALA B 128 3.74 -5.85 10.85
CA ALA B 128 3.69 -5.05 12.07
C ALA B 128 4.74 -3.94 11.99
N LEU B 129 4.43 -2.94 11.18
CA LEU B 129 5.29 -1.80 10.94
C LEU B 129 4.44 -0.54 10.95
N ASP B 130 4.92 0.51 11.62
CA ASP B 130 4.15 1.73 11.86
C ASP B 130 4.76 2.90 11.11
N TYR B 131 3.94 3.57 10.30
CA TYR B 131 4.33 4.71 9.50
C TYR B 131 3.20 5.72 9.47
N PRO B 132 3.49 6.97 9.11
CA PRO B 132 2.42 7.96 8.98
C PRO B 132 1.36 7.55 7.97
N ALA B 133 0.16 8.13 8.16
CA ALA B 133 -0.98 7.80 7.32
C ALA B 133 -0.67 7.95 5.83
N GLY B 134 0.11 8.97 5.46
CA GLY B 134 0.43 9.20 4.08
C GLY B 134 1.39 8.21 3.45
N THR B 135 1.83 7.20 4.21
CA THR B 135 2.61 6.09 3.68
C THR B 135 1.70 5.02 3.06
N SER B 136 0.40 5.14 3.27
CA SER B 136 -0.59 4.25 2.68
C SER B 136 -0.33 4.06 1.19
N GLY B 137 -0.38 2.80 0.75
CA GLY B 137 -0.13 2.44 -0.62
C GLY B 137 1.27 2.00 -0.92
N SER B 138 2.17 2.10 0.06
CA SER B 138 3.55 1.67 -0.16
C SER B 138 3.57 0.17 -0.48
N PRO B 139 4.37 -0.26 -1.45
CA PRO B 139 4.33 -1.66 -1.87
C PRO B 139 5.13 -2.55 -0.94
N ILE B 140 4.65 -3.79 -0.82
CA ILE B 140 5.30 -4.88 -0.09
C ILE B 140 5.81 -5.86 -1.13
N LEU B 141 7.06 -6.29 -0.96
CA LEU B 141 7.80 -7.01 -1.99
C LEU B 141 8.24 -8.38 -1.54
N ASP B 142 8.27 -9.33 -2.48
CA ASP B 142 8.94 -10.60 -2.25
C ASP B 142 10.39 -10.48 -2.72
N LYS B 143 11.17 -11.55 -2.51
CA LYS B 143 12.60 -11.50 -2.74
C LYS B 143 12.95 -11.34 -4.21
N CYS B 144 12.00 -11.57 -5.12
CA CYS B 144 12.16 -11.30 -6.54
C CYS B 144 11.82 -9.86 -6.91
N GLY B 145 11.44 -9.04 -5.95
CA GLY B 145 11.02 -7.68 -6.21
C GLY B 145 9.60 -7.52 -6.69
N ARG B 146 8.83 -8.60 -6.75
CA ARG B 146 7.43 -8.50 -7.16
C ARG B 146 6.61 -7.92 -6.02
N VAL B 147 5.59 -7.14 -6.39
CA VAL B 147 4.71 -6.53 -5.40
C VAL B 147 3.65 -7.55 -5.01
N ILE B 148 3.70 -7.98 -3.74
CA ILE B 148 2.75 -8.97 -3.23
C ILE B 148 1.58 -8.31 -2.52
N GLY B 149 1.60 -6.99 -2.36
CA GLY B 149 0.45 -6.28 -1.84
C GLY B 149 0.86 -4.86 -1.48
N LEU B 150 -0.13 -4.10 -1.01
CA LEU B 150 0.05 -2.72 -0.58
C LEU B 150 -0.19 -2.60 0.91
N TYR B 151 0.61 -1.73 1.53
CA TYR B 151 0.56 -1.44 2.95
C TYR B 151 -0.45 -0.34 3.25
N GLY B 152 -1.21 -0.53 4.32
CA GLY B 152 -1.96 0.59 4.86
C GLY B 152 -3.41 0.39 5.25
N ASN B 153 -3.93 -0.83 5.16
CA ASN B 153 -5.25 -1.13 5.70
C ASN B 153 -5.08 -2.18 6.80
N GLY B 154 -5.39 -1.82 8.03
CA GLY B 154 -5.05 -2.67 9.14
C GLY B 154 -5.80 -2.38 10.42
N VAL B 155 -5.15 -2.73 11.54
CA VAL B 155 -5.73 -2.57 12.87
C VAL B 155 -4.69 -2.00 13.82
N VAL B 156 -5.17 -1.42 14.90
CA VAL B 156 -4.34 -0.96 16.01
C VAL B 156 -4.53 -1.97 17.15
N ILE B 157 -3.42 -2.54 17.63
CA ILE B 157 -3.49 -3.52 18.72
C ILE B 157 -3.38 -2.79 20.06
N LYS B 158 -3.42 -3.58 21.15
CA LYS B 158 -3.67 -3.01 22.47
C LYS B 158 -2.67 -1.92 22.84
N ASN B 159 -1.39 -2.10 22.49
CA ASN B 159 -0.36 -1.17 22.94
C ASN B 159 -0.25 0.05 22.02
N GLY B 160 -1.14 0.17 21.05
CA GLY B 160 -1.16 1.31 20.16
C GLY B 160 -0.34 1.16 18.90
N SER B 161 0.39 0.07 18.75
CA SER B 161 1.12 -0.19 17.52
C SER B 161 0.16 -0.74 16.46
N TYR B 162 0.69 -0.90 15.25
CA TYR B 162 -0.10 -1.11 14.05
C TYR B 162 0.26 -2.41 13.38
N VAL B 163 -0.74 -3.02 12.75
CA VAL B 163 -0.53 -4.20 11.90
C VAL B 163 -1.32 -3.98 10.63
N SER B 164 -0.62 -4.00 9.50
CA SER B 164 -1.23 -3.81 8.19
C SER B 164 -1.44 -5.15 7.49
N ALA B 165 -2.64 -5.35 6.92
CA ALA B 165 -2.78 -6.44 5.98
C ALA B 165 -1.80 -6.26 4.82
N ILE B 166 -1.38 -7.37 4.23
CA ILE B 166 -0.74 -7.34 2.91
C ILE B 166 -1.90 -7.38 1.90
N THR B 167 -2.36 -6.22 1.43
CA THR B 167 -3.59 -6.18 0.63
C THR B 167 -3.23 -6.36 -0.84
N GLN B 168 -3.75 -7.42 -1.46
CA GLN B 168 -3.47 -7.71 -2.85
C GLN B 168 -4.78 -7.86 -3.60
N GLY B 169 -4.83 -7.34 -4.83
CA GLY B 169 -5.99 -7.50 -5.67
C GLY B 169 -5.93 -8.79 -6.45
N LYS B 170 -6.98 -9.05 -7.20
CA LYS B 170 -7.03 -10.17 -8.13
C LYS B 170 -6.65 -9.64 -9.51
N ARG B 171 -5.69 -10.29 -10.16
CA ARG B 171 -5.34 -9.91 -11.52
C ARG B 171 -6.27 -10.64 -12.50
N1 V7T C 1 -2.27 3.76 14.68
N2 V7T C 1 -0.11 3.05 15.30
CA V7T C 1 -1.14 4.20 11.99
CD V7T C 1 -0.76 3.51 8.12
CE V7T C 1 -1.55 3.92 6.88
NZ V7T C 1 -2.95 3.52 6.96
CG V7T C 1 -1.28 4.18 9.41
CB V7T C 1 -0.57 3.71 10.66
C2 V7T C 1 -1.03 3.45 14.31
N V7T C 1 -0.48 3.50 13.09
C V7T C 1 -0.94 5.72 12.08
O V7T C 1 -1.77 6.48 11.58
N HMF C 2 0.13 6.15 12.73
CA HMF C 2 0.46 7.57 12.77
C HMF C 2 -0.66 8.36 13.44
O HMF C 2 -1.01 9.47 13.02
CB HMF C 2 1.78 7.78 13.53
CG HMF C 2 2.99 7.19 12.78
C1 HMF C 2 4.24 7.05 13.66
C2 HMF C 2 4.78 8.40 14.11
C6 HMF C 2 5.34 6.28 12.93
C3 HMF C 2 6.04 8.26 14.96
C5 HMF C 2 6.61 6.15 13.77
C4 HMF C 2 7.12 7.50 14.22
O V8N C 3 -4.34 3.59 12.69
C V8N C 3 -5.43 4.08 12.39
C20 V8N C 3 -5.91 5.40 12.97
C21 V8N C 3 -5.16 5.82 14.22
C22 V8N C 3 -4.17 6.78 14.14
C23 V8N C 3 -3.50 7.23 15.27
C24 V8N C 3 -2.43 8.30 15.15
C31 V8N C 3 -3.84 6.70 16.51
C32 V8N C 3 -4.84 5.73 16.60
C33 V8N C 3 -5.50 5.30 15.46
N V8N C 3 -1.24 7.77 14.49
N LYS C 4 -6.26 3.51 11.52
CA LYS C 4 -6.03 2.19 10.95
C LYS C 4 -5.60 2.26 9.49
N LYS C 5 -5.54 3.49 8.94
CA LYS C 5 -5.31 3.71 7.53
C LYS C 5 -3.93 4.34 7.36
#